data_6EKZ
#
_entry.id   6EKZ
#
_cell.length_a   51.027
_cell.length_b   57.876
_cell.length_c   60.893
_cell.angle_alpha   90.00
_cell.angle_beta   110.09
_cell.angle_gamma   90.00
#
_symmetry.space_group_name_H-M   'P 1 21 1'
#
loop_
_entity.id
_entity.type
_entity.pdbx_description
1 polymer 'Aromatic peroxygenase'
2 non-polymer 'PROTOPORPHYRIN IX CONTAINING FE'
3 non-polymer 'MAGNESIUM ION'
4 non-polymer 'CHLORIDE ION'
5 non-polymer 2-acetamido-2-deoxy-beta-D-glucopyranose
6 non-polymer 'PHOSPHATE ION'
7 non-polymer GLYCEROL
8 non-polymer 1-(ISOPROPYLAMINO)-3-(1-NAPHTHYLOXY)-2-PROPANOL
9 water water
#
_entity_poly.entity_id   1
_entity_poly.type   'polypeptide(L)'
_entity_poly.pdbx_seq_one_letter_code
;EPGLPPGPLENSSAKLVNDEAHPWKPLRPGDIRGPCPGLNTLASHGYLPRNGVATPAQIINAVQEGFNFDNQAAIFATYA
AHLVDGNLITDLLSIGRKTRLTGPDPPPPASVGGLNEHGTFEGDASMTRGDAFFGNNHDFNETLFEQLVDYSNRFGGGKY
NLTVAGELRFKRIQDSIATNPNFSFVDFRFFTAYGETTFPANLFVDGRRDDGQLDMDAARSFFQFSRMPDDFFRAPSPRS
GTGVEVVVQAHPMQPGRNVGKINSYTVDPTSSDFSTPCLMYEKFVNITVKSLYPNPTVQLRKALNTNLDFLFQGVAAGCT
QVFPYGRD
;
_entity_poly.pdbx_strand_id   A
#
loop_
_chem_comp.id
_chem_comp.type
_chem_comp.name
_chem_comp.formula
CL non-polymer 'CHLORIDE ION' 'Cl -1'
GOL non-polymer GLYCEROL 'C3 H8 O3'
HEM non-polymer 'PROTOPORPHYRIN IX CONTAINING FE' 'C34 H32 Fe N4 O4'
MG non-polymer 'MAGNESIUM ION' 'Mg 2'
NAG D-saccharide, beta linking 2-acetamido-2-deoxy-beta-D-glucopyranose 'C8 H15 N O6'
PO4 non-polymer 'PHOSPHATE ION' 'O4 P -3'
SNP non-polymer 1-(ISOPROPYLAMINO)-3-(1-NAPHTHYLOXY)-2-PROPANOL 'C16 H21 N O2'
#
# COMPACT_ATOMS: atom_id res chain seq x y z
N GLY A 3 -5.81 -5.18 19.65
CA GLY A 3 -7.04 -4.35 19.87
C GLY A 3 -8.06 -4.55 18.77
N LEU A 4 -9.28 -4.10 18.98
CA LEU A 4 -10.34 -4.20 17.96
C LEU A 4 -10.05 -3.18 16.85
N PRO A 5 -10.41 -3.49 15.59
CA PRO A 5 -10.21 -2.46 14.56
C PRO A 5 -11.03 -1.22 14.87
N PRO A 6 -10.44 -0.01 14.76
CA PRO A 6 -11.23 1.21 14.90
C PRO A 6 -12.37 1.28 13.90
N GLY A 7 -13.44 1.96 14.29
CA GLY A 7 -14.56 2.23 13.41
C GLY A 7 -14.29 3.47 12.58
N PRO A 8 -15.25 3.81 11.69
CA PRO A 8 -15.10 5.01 10.87
C PRO A 8 -15.07 6.29 11.71
N LEU A 9 -14.58 7.36 11.11
CA LEU A 9 -14.57 8.67 11.77
C LEU A 9 -15.97 9.11 12.15
N GLU A 10 -16.09 9.67 13.35
CA GLU A 10 -17.34 10.29 13.80
C GLU A 10 -17.64 11.55 12.98
N ASN A 11 -16.58 12.30 12.64
CA ASN A 11 -16.68 13.51 11.83
C ASN A 11 -15.61 13.42 10.74
N SER A 12 -16.08 13.24 9.50
CA SER A 12 -15.18 13.05 8.34
C SER A 12 -15.06 14.30 7.46
N SER A 13 -15.33 15.48 8.02
CA SER A 13 -15.17 16.73 7.28
C SER A 13 -13.70 16.98 6.93
N ALA A 14 -13.47 17.78 5.89
CA ALA A 14 -12.13 18.31 5.64
C ALA A 14 -11.74 19.18 6.82
N LYS A 15 -10.48 19.11 7.22
CA LYS A 15 -9.95 19.98 8.26
C LYS A 15 -8.44 20.04 8.10
N LEU A 16 -7.85 21.04 8.74
CA LEU A 16 -6.40 21.16 8.77
C LEU A 16 -5.81 19.94 9.50
N VAL A 17 -4.94 19.20 8.82
CA VAL A 17 -4.26 18.06 9.45
C VAL A 17 -2.77 18.31 9.68
N ASN A 18 -2.21 19.32 9.01
CA ASN A 18 -0.87 19.79 9.31
C ASN A 18 -1.02 20.89 10.36
N ASP A 19 -1.29 20.44 11.58
CA ASP A 19 -1.68 21.36 12.67
C ASP A 19 -0.64 21.35 13.79
N GLU A 20 -0.89 22.14 14.83
CA GLU A 20 0.11 22.33 15.90
C GLU A 20 0.50 21.03 16.59
N ALA A 21 -0.48 20.13 16.76
CA ALA A 21 -0.25 18.84 17.39
C ALA A 21 0.46 17.82 16.49
N HIS A 22 0.53 18.08 15.18
CA HIS A 22 1.11 17.15 14.22
C HIS A 22 2.09 17.82 13.26
N PRO A 23 3.18 18.39 13.82
CA PRO A 23 4.17 19.03 12.97
C PRO A 23 5.05 18.01 12.26
N TRP A 24 5.53 18.37 11.07
CA TRP A 24 6.55 17.57 10.42
C TRP A 24 7.85 17.68 11.21
N LYS A 25 8.53 16.56 11.38
CA LYS A 25 9.88 16.56 11.91
C LYS A 25 10.74 15.64 11.08
N PRO A 26 12.05 15.97 10.98
CA PRO A 26 12.98 15.11 10.26
C PRO A 26 13.22 13.80 11.00
N LEU A 27 13.81 12.85 10.30
CA LEU A 27 14.12 11.55 10.89
C LEU A 27 15.24 11.67 11.92
N ARG A 28 15.07 10.93 13.01
CA ARG A 28 16.13 10.70 13.99
C ARG A 28 16.81 9.38 13.63
N PRO A 29 18.03 9.14 14.16
CA PRO A 29 18.66 7.85 13.92
C PRO A 29 17.77 6.72 14.42
N GLY A 30 17.58 5.70 13.59
CA GLY A 30 16.72 4.58 13.94
C GLY A 30 15.28 4.69 13.43
N ASP A 31 14.83 5.89 13.04
CA ASP A 31 13.46 6.05 12.54
C ASP A 31 13.31 5.36 11.19
N ILE A 32 12.21 4.64 11.03
CA ILE A 32 11.97 3.79 9.87
C ILE A 32 10.90 4.40 8.96
N ARG A 33 11.25 4.53 7.68
CA ARG A 33 10.28 4.86 6.65
C ARG A 33 10.43 3.83 5.54
N GLY A 34 9.36 3.62 4.79
CA GLY A 34 9.30 2.53 3.83
C GLY A 34 8.70 2.92 2.51
N PRO A 35 8.05 1.96 1.83
CA PRO A 35 7.60 2.17 0.47
C PRO A 35 6.27 2.92 0.34
N CYS A 36 5.59 3.19 1.46
CA CYS A 36 4.28 3.84 1.43
C CYS A 36 4.41 5.32 1.82
N PRO A 37 4.19 6.24 0.86
CA PRO A 37 4.27 7.66 1.23
C PRO A 37 3.17 8.10 2.19
N GLY A 38 2.03 7.42 2.19
CA GLY A 38 0.95 7.75 3.13
C GLY A 38 1.35 7.47 4.56
N LEU A 39 1.74 6.24 4.85
CA LEU A 39 2.19 5.90 6.20
C LEU A 39 3.44 6.67 6.59
N ASN A 40 4.35 6.88 5.63
CA ASN A 40 5.56 7.64 5.94
C ASN A 40 5.22 9.04 6.42
N THR A 41 4.29 9.69 5.74
CA THR A 41 3.88 11.05 6.08
C THR A 41 3.19 11.09 7.44
N LEU A 42 2.35 10.09 7.71
CA LEU A 42 1.69 10.01 9.01
C LEU A 42 2.70 9.85 10.14
N ALA A 43 3.72 9.03 9.94
CA ALA A 43 4.79 8.90 10.93
C ALA A 43 5.56 10.21 11.10
N SER A 44 5.88 10.89 9.99
CA SER A 44 6.67 12.11 10.06
C SER A 44 5.90 13.32 10.58
N HIS A 45 4.58 13.21 10.72
CA HIS A 45 3.75 14.21 11.38
C HIS A 45 3.25 13.76 12.75
N GLY A 46 3.68 12.60 13.22
CA GLY A 46 3.29 12.11 14.54
C GLY A 46 1.86 11.60 14.66
N TYR A 47 1.19 11.35 13.53
CA TYR A 47 -0.08 10.60 13.55
C TYR A 47 0.17 9.13 13.88
N LEU A 48 1.35 8.64 13.49
CA LEU A 48 1.89 7.37 13.93
C LEU A 48 3.12 7.64 14.77
N PRO A 49 3.58 6.65 15.55
CA PRO A 49 4.88 6.79 16.21
C PRO A 49 5.95 7.19 15.21
N ARG A 50 6.76 8.18 15.58
CA ARG A 50 7.72 8.76 14.64
C ARG A 50 8.85 7.81 14.24
N ASN A 51 9.06 6.75 15.02
CA ASN A 51 10.03 5.71 14.63
C ASN A 51 9.54 4.73 13.57
N GLY A 52 8.26 4.82 13.17
CA GLY A 52 7.75 3.96 12.10
C GLY A 52 7.37 2.54 12.49
N VAL A 53 7.20 2.29 13.78
CA VAL A 53 6.72 1.00 14.26
C VAL A 53 5.39 1.27 14.96
N ALA A 54 4.35 0.53 14.59
CA ALA A 54 3.00 0.85 15.05
C ALA A 54 2.13 -0.40 15.14
N THR A 55 1.06 -0.30 15.91
CA THR A 55 0.06 -1.35 15.96
C THR A 55 -0.92 -1.16 14.80
N PRO A 56 -1.65 -2.22 14.44
CA PRO A 56 -2.70 -2.08 13.43
C PRO A 56 -3.74 -1.02 13.77
N ALA A 57 -4.17 -0.95 15.04
CA ALA A 57 -5.14 0.06 15.45
C ALA A 57 -4.59 1.48 15.28
N GLN A 58 -3.32 1.68 15.62
CA GLN A 58 -2.68 2.98 15.40
C GLN A 58 -2.66 3.36 13.91
N ILE A 59 -2.36 2.39 13.06
CA ILE A 59 -2.32 2.63 11.61
C ILE A 59 -3.70 3.02 11.08
N ILE A 60 -4.72 2.27 11.47
CA ILE A 60 -6.08 2.54 11.00
C ILE A 60 -6.54 3.92 11.47
N ASN A 61 -6.32 4.24 12.74
CA ASN A 61 -6.66 5.57 13.23
C ASN A 61 -5.91 6.68 12.49
N ALA A 62 -4.63 6.46 12.21
CA ALA A 62 -3.83 7.48 11.55
C ALA A 62 -4.27 7.74 10.11
N VAL A 63 -4.53 6.68 9.33
CA VAL A 63 -4.91 6.88 7.93
C VAL A 63 -6.28 7.55 7.82
N GLN A 64 -7.17 7.26 8.77
CA GLN A 64 -8.48 7.92 8.83
C GLN A 64 -8.34 9.38 9.26
N GLU A 65 -7.67 9.60 10.38
CA GLU A 65 -7.57 10.95 10.94
C GLU A 65 -6.78 11.90 10.04
N GLY A 66 -5.62 11.43 9.57
CA GLY A 66 -4.72 12.27 8.80
C GLY A 66 -5.11 12.48 7.34
N PHE A 67 -5.69 11.46 6.72
CA PHE A 67 -5.98 11.50 5.28
C PHE A 67 -7.43 11.19 4.87
N ASN A 68 -8.28 10.81 5.82
CA ASN A 68 -9.65 10.39 5.50
C ASN A 68 -9.69 9.13 4.61
N PHE A 69 -8.74 8.22 4.80
CA PHE A 69 -8.82 6.90 4.17
C PHE A 69 -10.07 6.21 4.71
N ASP A 70 -10.84 5.55 3.85
CA ASP A 70 -12.09 4.94 4.34
C ASP A 70 -11.80 3.70 5.17
N ASN A 71 -12.74 3.42 6.09
CA ASN A 71 -12.58 2.37 7.09
C ASN A 71 -12.37 0.99 6.54
N GLN A 72 -13.18 0.62 5.57
CA GLN A 72 -13.06 -0.73 5.03
C GLN A 72 -11.67 -0.92 4.36
N ALA A 73 -11.25 0.06 3.58
CA ALA A 73 -9.93 -0.01 2.94
C ALA A 73 -8.82 -0.03 3.99
N ALA A 74 -8.96 0.81 5.00
CA ALA A 74 -7.97 0.89 6.07
C ALA A 74 -7.81 -0.47 6.76
N ILE A 75 -8.94 -1.10 7.06
CA ILE A 75 -8.94 -2.40 7.72
C ILE A 75 -8.31 -3.47 6.83
N PHE A 76 -8.73 -3.57 5.58
CA PHE A 76 -8.17 -4.61 4.74
C PHE A 76 -6.67 -4.44 4.55
N ALA A 77 -6.24 -3.23 4.20
CA ALA A 77 -4.81 -3.01 3.93
C ALA A 77 -3.97 -3.25 5.17
N THR A 78 -4.43 -2.74 6.31
CA THR A 78 -3.63 -2.81 7.53
C THR A 78 -3.47 -4.25 8.01
N TYR A 79 -4.57 -5.00 8.08
CA TYR A 79 -4.49 -6.39 8.54
C TYR A 79 -3.81 -7.29 7.53
N ALA A 80 -3.95 -7.01 6.24
CA ALA A 80 -3.19 -7.75 5.23
C ALA A 80 -1.70 -7.58 5.45
N ALA A 81 -1.27 -6.32 5.59
CA ALA A 81 0.13 -6.00 5.84
C ALA A 81 0.64 -6.63 7.13
N HIS A 82 -0.16 -6.51 8.19
CA HIS A 82 0.25 -7.04 9.48
C HIS A 82 0.40 -8.57 9.44
N LEU A 83 -0.57 -9.24 8.84
CA LEU A 83 -0.50 -10.70 8.71
C LEU A 83 0.78 -11.19 8.05
N VAL A 84 1.22 -10.52 6.99
CA VAL A 84 2.37 -10.99 6.23
C VAL A 84 3.70 -10.36 6.61
N ASP A 85 3.66 -9.17 7.20
CA ASP A 85 4.87 -8.39 7.51
C ASP A 85 5.08 -8.02 8.98
N GLY A 86 4.04 -8.16 9.80
CA GLY A 86 4.08 -7.74 11.21
C GLY A 86 4.22 -8.89 12.17
N ASN A 87 4.44 -8.55 13.43
CA ASN A 87 4.57 -9.52 14.50
C ASN A 87 3.21 -9.70 15.15
N LEU A 88 2.63 -10.88 14.99
CA LEU A 88 1.27 -11.14 15.43
C LEU A 88 1.15 -11.29 16.94
N ILE A 89 2.24 -11.65 17.61
CA ILE A 89 2.24 -11.79 19.08
C ILE A 89 2.36 -10.43 19.75
N THR A 90 3.30 -9.61 19.30
CA THR A 90 3.50 -8.29 19.90
C THR A 90 2.54 -7.23 19.36
N ASP A 91 1.86 -7.54 18.25
CA ASP A 91 0.92 -6.61 17.59
C ASP A 91 1.61 -5.37 17.01
N LEU A 92 2.84 -5.54 16.53
CA LEU A 92 3.63 -4.44 15.99
C LEU A 92 4.06 -4.70 14.55
N LEU A 93 4.03 -3.64 13.75
CA LEU A 93 4.40 -3.69 12.34
C LEU A 93 5.33 -2.53 12.05
N SER A 94 6.43 -2.81 11.36
CA SER A 94 7.31 -1.79 10.82
C SER A 94 6.79 -1.31 9.48
N ILE A 95 6.74 0.01 9.30
CA ILE A 95 6.32 0.58 8.02
C ILE A 95 7.45 0.57 6.99
N GLY A 96 8.59 -0.02 7.36
CA GLY A 96 9.71 -0.10 6.45
C GLY A 96 10.50 -1.37 6.71
N ARG A 97 11.81 -1.19 6.88
N ARG A 97 11.81 -1.19 6.88
CA ARG A 97 12.73 -2.30 7.10
CA ARG A 97 12.73 -2.30 7.10
C ARG A 97 12.46 -3.15 8.34
C ARG A 97 12.46 -3.15 8.34
N LYS A 98 12.91 -4.40 8.26
CA LYS A 98 12.79 -5.37 9.33
C LYS A 98 13.56 -4.77 10.51
N THR A 99 13.00 -4.92 11.70
CA THR A 99 13.59 -4.34 12.89
C THR A 99 13.35 -5.23 14.08
N ARG A 100 14.30 -5.24 15.01
CA ARG A 100 14.12 -5.93 16.29
C ARG A 100 13.06 -5.27 17.17
N LEU A 101 12.70 -4.03 16.86
CA LEU A 101 11.64 -3.33 17.58
C LEU A 101 10.25 -3.95 17.50
N THR A 102 10.00 -4.82 16.52
CA THR A 102 8.73 -5.57 16.50
C THR A 102 8.71 -6.80 17.42
N GLY A 103 9.83 -7.10 18.07
CA GLY A 103 9.88 -8.11 19.13
C GLY A 103 10.43 -9.44 18.67
N PRO A 104 10.33 -10.47 19.53
CA PRO A 104 10.82 -11.81 19.20
C PRO A 104 10.10 -12.40 18.00
N ASP A 105 10.88 -12.87 17.03
CA ASP A 105 10.32 -13.38 15.78
C ASP A 105 9.67 -14.74 15.95
N PRO A 106 8.66 -15.02 15.11
CA PRO A 106 8.10 -16.36 15.02
C PRO A 106 9.07 -17.26 14.25
N PRO A 107 8.77 -18.58 14.20
CA PRO A 107 9.68 -19.44 13.45
C PRO A 107 9.65 -19.20 11.97
N PRO A 108 10.74 -19.59 11.28
CA PRO A 108 10.64 -19.72 9.84
C PRO A 108 9.49 -20.67 9.52
N PRO A 109 8.80 -20.46 8.41
CA PRO A 109 9.16 -19.56 7.30
C PRO A 109 8.66 -18.11 7.38
N ALA A 110 8.02 -17.72 8.48
CA ALA A 110 7.55 -16.34 8.64
C ALA A 110 8.76 -15.41 8.70
N SER A 111 8.65 -14.25 8.06
CA SER A 111 9.79 -13.32 7.93
C SER A 111 9.70 -12.06 8.80
N VAL A 112 8.48 -11.61 9.11
CA VAL A 112 8.23 -10.36 9.88
C VAL A 112 9.20 -9.28 9.41
N GLY A 113 9.14 -9.04 8.10
CA GLY A 113 10.11 -8.21 7.41
C GLY A 113 9.75 -6.74 7.28
N GLY A 114 8.64 -6.32 7.86
CA GLY A 114 8.14 -4.96 7.68
C GLY A 114 7.59 -4.77 6.28
N LEU A 115 7.08 -3.58 6.01
CA LEU A 115 6.55 -3.27 4.68
C LEU A 115 7.59 -3.36 3.56
N ASN A 116 8.87 -3.27 3.89
CA ASN A 116 9.93 -3.44 2.89
C ASN A 116 10.03 -4.87 2.36
N GLU A 117 9.41 -5.86 3.00
CA GLU A 117 9.52 -7.24 2.52
C GLU A 117 8.92 -7.38 1.12
N HIS A 118 9.74 -7.77 0.16
CA HIS A 118 9.28 -7.89 -1.21
C HIS A 118 8.38 -9.11 -1.39
N GLY A 119 7.27 -8.92 -2.10
CA GLY A 119 6.45 -10.02 -2.56
C GLY A 119 5.34 -10.46 -1.62
N THR A 120 5.25 -9.84 -0.44
CA THR A 120 4.18 -10.09 0.51
C THR A 120 3.08 -9.03 0.30
N PHE A 121 3.40 -7.76 0.58
CA PHE A 121 2.54 -6.63 0.24
C PHE A 121 3.24 -5.80 -0.83
N GLU A 122 4.45 -5.32 -0.53
CA GLU A 122 5.24 -4.57 -1.49
C GLU A 122 5.45 -5.36 -2.77
N GLY A 123 5.41 -4.68 -3.91
CA GLY A 123 5.74 -5.32 -5.17
C GLY A 123 6.15 -4.40 -6.29
N ASP A 124 6.25 -4.99 -7.46
CA ASP A 124 6.88 -4.36 -8.60
C ASP A 124 6.00 -3.30 -9.26
N ALA A 125 6.65 -2.52 -10.13
CA ALA A 125 6.01 -1.47 -10.91
C ALA A 125 5.39 -0.35 -10.04
N SER A 126 6.03 -0.10 -8.90
CA SER A 126 5.71 1.09 -8.10
C SER A 126 6.05 2.34 -8.88
N MET A 127 5.39 3.45 -8.55
CA MET A 127 5.56 4.69 -9.30
C MET A 127 6.88 5.40 -9.00
N THR A 128 7.22 5.50 -7.72
CA THR A 128 8.39 6.29 -7.29
C THR A 128 9.46 5.49 -6.57
N ARG A 129 9.25 4.18 -6.49
CA ARG A 129 10.18 3.23 -5.90
C ARG A 129 10.54 2.21 -6.96
N GLY A 130 11.79 1.76 -6.95
CA GLY A 130 12.26 0.74 -7.89
C GLY A 130 11.84 -0.66 -7.49
N ASP A 131 11.80 -1.56 -8.47
CA ASP A 131 11.54 -2.97 -8.20
C ASP A 131 12.66 -3.53 -7.32
N ALA A 132 12.30 -4.46 -6.46
CA ALA A 132 13.28 -5.10 -5.56
C ALA A 132 14.49 -5.68 -6.30
N PHE A 133 14.27 -6.22 -7.50
CA PHE A 133 15.36 -6.79 -8.30
C PHE A 133 16.49 -5.78 -8.54
N PHE A 134 16.14 -4.50 -8.64
CA PHE A 134 17.13 -3.47 -8.92
C PHE A 134 17.84 -2.92 -7.68
N GLY A 135 17.52 -3.44 -6.50
CA GLY A 135 18.33 -3.21 -5.31
C GLY A 135 17.70 -2.44 -4.17
N ASN A 136 16.56 -1.79 -4.41
CA ASN A 136 15.96 -0.94 -3.37
C ASN A 136 14.49 -0.70 -3.69
N ASN A 137 13.63 -1.37 -2.94
CA ASN A 137 12.19 -1.27 -3.17
C ASN A 137 11.47 -0.24 -2.30
N HIS A 138 12.21 0.60 -1.60
CA HIS A 138 11.59 1.42 -0.57
C HIS A 138 11.96 2.89 -0.57
N ASP A 139 13.18 3.26 -0.94
CA ASP A 139 13.55 4.66 -0.96
C ASP A 139 12.93 5.39 -2.14
N PHE A 140 12.61 6.66 -1.93
CA PHE A 140 12.22 7.56 -3.01
C PHE A 140 13.30 7.55 -4.10
N ASN A 141 12.86 7.46 -5.35
CA ASN A 141 13.76 7.46 -6.49
C ASN A 141 13.49 8.69 -7.33
N GLU A 142 14.50 9.55 -7.44
CA GLU A 142 14.37 10.82 -8.16
C GLU A 142 14.08 10.64 -9.65
N THR A 143 14.76 9.71 -10.30
CA THR A 143 14.52 9.45 -11.72
C THR A 143 13.06 9.04 -11.97
N LEU A 144 12.57 8.12 -11.14
CA LEU A 144 11.18 7.69 -11.27
C LEU A 144 10.20 8.83 -10.96
N PHE A 145 10.50 9.65 -9.96
CA PHE A 145 9.65 10.79 -9.69
C PHE A 145 9.65 11.78 -10.86
N GLU A 146 10.81 12.03 -11.46
CA GLU A 146 10.87 12.91 -12.63
C GLU A 146 10.06 12.36 -13.80
N GLN A 147 9.99 11.05 -13.93
CA GLN A 147 9.10 10.45 -14.92
C GLN A 147 7.63 10.69 -14.56
N LEU A 148 7.28 10.61 -13.28
CA LEU A 148 5.93 10.99 -12.85
C LEU A 148 5.62 12.45 -13.22
N VAL A 149 6.58 13.34 -13.02
CA VAL A 149 6.43 14.74 -13.42
C VAL A 149 6.22 14.86 -14.94
N ASP A 150 7.03 14.15 -15.71
N ASP A 150 7.04 14.15 -15.71
CA ASP A 150 6.90 14.19 -17.15
CA ASP A 150 6.93 14.14 -17.19
C ASP A 150 5.54 13.69 -17.64
C ASP A 150 5.53 13.70 -17.64
N TYR A 151 5.06 12.59 -17.06
CA TYR A 151 3.71 12.08 -17.35
C TYR A 151 2.62 13.05 -16.92
N SER A 152 2.83 13.74 -15.81
CA SER A 152 1.89 14.78 -15.37
C SER A 152 1.87 15.96 -16.34
N ASN A 153 3.04 16.35 -16.84
CA ASN A 153 3.13 17.40 -17.86
C ASN A 153 2.44 17.00 -19.16
N ARG A 154 2.59 15.75 -19.58
N ARG A 154 2.58 15.75 -19.57
CA ARG A 154 2.06 15.28 -20.85
CA ARG A 154 2.07 15.28 -20.85
C ARG A 154 0.56 14.99 -20.83
C ARG A 154 0.56 15.00 -20.82
N PHE A 155 0.08 14.40 -19.73
CA PHE A 155 -1.33 13.95 -19.63
C PHE A 155 -2.20 14.66 -18.62
N GLY A 156 -1.60 15.52 -17.78
CA GLY A 156 -2.34 16.15 -16.70
C GLY A 156 -2.22 17.67 -16.65
N GLY A 157 -1.71 18.29 -17.70
CA GLY A 157 -1.52 19.73 -17.70
C GLY A 157 -0.56 20.18 -16.62
N GLY A 158 0.38 19.32 -16.26
CA GLY A 158 1.33 19.59 -15.19
C GLY A 158 0.93 19.08 -13.81
N LYS A 159 -0.28 18.53 -13.69
CA LYS A 159 -0.76 17.96 -12.43
C LYS A 159 -0.92 16.46 -12.58
N TYR A 160 -0.85 15.75 -11.46
CA TYR A 160 -1.12 14.32 -11.45
C TYR A 160 -2.63 14.13 -11.25
N ASN A 161 -3.26 13.41 -12.16
CA ASN A 161 -4.68 13.09 -12.06
C ASN A 161 -4.91 11.66 -12.55
N LEU A 162 -6.14 11.19 -12.59
CA LEU A 162 -6.39 9.79 -12.96
C LEU A 162 -5.97 9.46 -14.39
N THR A 163 -6.01 10.43 -15.29
CA THR A 163 -5.53 10.20 -16.65
C THR A 163 -4.02 9.93 -16.63
N VAL A 164 -3.29 10.73 -15.87
CA VAL A 164 -1.86 10.53 -15.70
C VAL A 164 -1.60 9.15 -15.08
N ALA A 165 -2.36 8.81 -14.06
CA ALA A 165 -2.25 7.51 -13.39
C ALA A 165 -2.39 6.37 -14.38
N GLY A 166 -3.38 6.44 -15.27
CA GLY A 166 -3.57 5.41 -16.28
C GLY A 166 -2.37 5.21 -17.18
N GLU A 167 -1.76 6.31 -17.59
CA GLU A 167 -0.61 6.23 -18.47
C GLU A 167 0.64 5.78 -17.74
N LEU A 168 0.87 6.32 -16.54
CA LEU A 168 2.08 5.99 -15.78
C LEU A 168 2.05 4.55 -15.26
N ARG A 169 0.89 4.09 -14.82
CA ARG A 169 0.73 2.70 -14.38
C ARG A 169 1.20 1.74 -15.47
N PHE A 170 0.74 1.97 -16.70
CA PHE A 170 1.09 1.13 -17.82
C PHE A 170 2.58 1.25 -18.17
N LYS A 171 3.11 2.46 -18.18
N LYS A 171 3.11 2.46 -18.18
CA LYS A 171 4.53 2.67 -18.46
CA LYS A 171 4.52 2.69 -18.46
C LYS A 171 5.41 1.88 -17.49
C LYS A 171 5.42 1.90 -17.49
N ARG A 172 5.07 1.92 -16.20
CA ARG A 172 5.87 1.21 -15.20
C ARG A 172 5.80 -0.31 -15.37
N ILE A 173 4.61 -0.82 -15.69
CA ILE A 173 4.47 -2.24 -16.02
C ILE A 173 5.36 -2.60 -17.20
N GLN A 174 5.28 -1.82 -18.27
N GLN A 174 5.28 -1.82 -18.28
CA GLN A 174 6.05 -2.11 -19.48
CA GLN A 174 6.06 -2.08 -19.50
C GLN A 174 7.56 -2.04 -19.24
C GLN A 174 7.56 -2.06 -19.22
N ASP A 175 8.00 -1.08 -18.43
CA ASP A 175 9.42 -0.96 -18.10
C ASP A 175 9.90 -2.15 -17.27
N SER A 176 9.11 -2.60 -16.32
CA SER A 176 9.45 -3.81 -15.57
C SER A 176 9.48 -5.05 -16.47
N ILE A 177 8.53 -5.17 -17.38
CA ILE A 177 8.55 -6.30 -18.31
C ILE A 177 9.87 -6.30 -19.11
N ALA A 178 10.29 -5.12 -19.54
CA ALA A 178 11.47 -4.98 -20.39
C ALA A 178 12.80 -5.17 -19.68
N THR A 179 12.82 -5.03 -18.36
CA THR A 179 14.09 -4.98 -17.62
C THR A 179 14.22 -5.88 -16.39
N ASN A 180 13.11 -6.30 -15.79
CA ASN A 180 13.13 -7.10 -14.58
C ASN A 180 12.74 -8.53 -14.92
N PRO A 181 13.71 -9.45 -15.00
CA PRO A 181 13.39 -10.83 -15.38
C PRO A 181 12.54 -11.58 -14.38
N ASN A 182 12.46 -11.05 -13.16
CA ASN A 182 11.66 -11.60 -12.09
C ASN A 182 10.35 -10.85 -11.85
N PHE A 183 9.96 -9.96 -12.77
CA PHE A 183 8.75 -9.14 -12.61
C PHE A 183 7.54 -10.02 -12.31
N SER A 184 6.83 -9.68 -11.23
CA SER A 184 5.63 -10.41 -10.84
C SER A 184 4.48 -9.44 -10.70
N PHE A 185 3.33 -9.78 -11.29
CA PHE A 185 2.19 -8.87 -11.31
C PHE A 185 0.90 -9.67 -11.24
N VAL A 186 0.74 -10.36 -10.12
CA VAL A 186 -0.41 -11.25 -9.91
C VAL A 186 -1.08 -10.96 -8.58
N ASP A 187 -2.27 -11.51 -8.43
CA ASP A 187 -3.02 -11.54 -7.18
C ASP A 187 -2.99 -10.23 -6.41
N PHE A 188 -2.52 -10.22 -5.16
CA PHE A 188 -2.65 -9.02 -4.33
C PHE A 188 -1.93 -7.81 -4.93
N ARG A 189 -0.74 -8.02 -5.49
CA ARG A 189 -0.02 -6.90 -6.09
C ARG A 189 -0.72 -6.33 -7.32
N PHE A 190 -1.31 -7.20 -8.13
CA PHE A 190 -2.11 -6.74 -9.27
C PHE A 190 -3.18 -5.74 -8.79
N PHE A 191 -3.86 -6.07 -7.70
CA PHE A 191 -4.87 -5.16 -7.14
C PHE A 191 -4.26 -3.87 -6.59
N THR A 192 -3.27 -3.99 -5.71
CA THR A 192 -2.72 -2.80 -5.05
C THR A 192 -2.01 -1.87 -6.02
N ALA A 193 -1.36 -2.42 -7.03
CA ALA A 193 -0.65 -1.59 -8.00
C ALA A 193 -1.60 -0.62 -8.71
N TYR A 194 -2.83 -1.05 -8.96
CA TYR A 194 -3.83 -0.16 -9.57
C TYR A 194 -4.42 0.83 -8.56
N GLY A 195 -4.85 0.32 -7.42
CA GLY A 195 -5.44 1.19 -6.41
C GLY A 195 -4.52 2.31 -5.96
N GLU A 196 -3.25 1.98 -5.73
CA GLU A 196 -2.28 2.98 -5.25
C GLU A 196 -2.10 4.15 -6.18
N THR A 197 -2.28 3.94 -7.48
CA THR A 197 -2.12 5.06 -8.42
C THR A 197 -3.24 6.10 -8.28
N THR A 198 -4.37 5.74 -7.70
CA THR A 198 -5.45 6.70 -7.46
C THR A 198 -5.21 7.51 -6.19
N PHE A 199 -4.45 6.99 -5.24
CA PHE A 199 -4.33 7.62 -3.93
C PHE A 199 -3.77 9.05 -3.96
N PRO A 200 -2.78 9.35 -4.82
CA PRO A 200 -2.32 10.73 -4.82
C PRO A 200 -3.41 11.72 -5.26
N ALA A 201 -4.23 11.31 -6.23
CA ALA A 201 -5.33 12.16 -6.70
C ALA A 201 -6.47 12.27 -5.69
N ASN A 202 -6.72 11.20 -4.93
CA ASN A 202 -7.84 11.15 -3.99
C ASN A 202 -7.52 11.66 -2.60
N LEU A 203 -6.26 11.54 -2.19
CA LEU A 203 -5.87 11.75 -0.79
C LEU A 203 -4.76 12.77 -0.57
N PHE A 204 -3.91 13.03 -1.55
CA PHE A 204 -2.86 14.06 -1.42
C PHE A 204 -3.29 15.44 -1.95
N VAL A 205 -4.49 15.51 -2.51
CA VAL A 205 -5.06 16.78 -2.95
C VAL A 205 -5.78 17.43 -1.77
N ASP A 206 -5.45 18.70 -1.51
CA ASP A 206 -6.05 19.45 -0.41
C ASP A 206 -7.57 19.32 -0.48
N GLY A 207 -8.17 18.97 0.66
CA GLY A 207 -9.59 18.66 0.72
C GLY A 207 -10.56 19.80 0.51
N ARG A 208 -10.06 21.03 0.57
CA ARG A 208 -10.89 22.20 0.22
C ARG A 208 -11.11 22.30 -1.27
N ARG A 209 -10.23 21.66 -2.05
CA ARG A 209 -10.34 21.62 -3.48
C ARG A 209 -10.93 20.29 -3.94
N ASP A 210 -10.31 19.18 -3.51
CA ASP A 210 -10.75 17.82 -3.86
C ASP A 210 -11.09 17.65 -5.34
N ASP A 211 -10.25 18.24 -6.19
CA ASP A 211 -10.51 18.26 -7.62
C ASP A 211 -9.75 17.20 -8.41
N GLY A 212 -9.03 16.34 -7.70
CA GLY A 212 -8.29 15.26 -8.34
C GLY A 212 -7.04 15.68 -9.08
N GLN A 213 -6.58 16.91 -8.89
CA GLN A 213 -5.42 17.43 -9.62
C GLN A 213 -4.31 17.76 -8.63
N LEU A 214 -3.32 16.87 -8.53
CA LEU A 214 -2.25 17.04 -7.55
C LEU A 214 -1.08 17.81 -8.17
N ASP A 215 -0.69 18.92 -7.56
CA ASP A 215 0.45 19.68 -8.06
C ASP A 215 1.76 19.00 -7.69
N MET A 216 2.80 19.29 -8.46
CA MET A 216 4.09 18.61 -8.29
C MET A 216 4.86 19.00 -7.04
N ASP A 217 4.63 20.21 -6.51
CA ASP A 217 5.26 20.58 -5.25
C ASP A 217 4.71 19.72 -4.11
N ALA A 218 3.38 19.60 -4.04
CA ALA A 218 2.75 18.72 -3.07
C ALA A 218 3.14 17.26 -3.30
N ALA A 219 3.16 16.82 -4.55
CA ALA A 219 3.53 15.44 -4.85
C ALA A 219 4.94 15.13 -4.33
N ARG A 220 5.90 16.00 -4.60
CA ARG A 220 7.25 15.79 -4.09
C ARG A 220 7.28 15.80 -2.56
N SER A 221 6.55 16.73 -1.96
CA SER A 221 6.52 16.83 -0.51
C SER A 221 6.13 15.51 0.15
N PHE A 222 5.06 14.89 -0.36
CA PHE A 222 4.62 13.60 0.16
C PHE A 222 5.56 12.45 -0.24
N PHE A 223 5.82 12.31 -1.54
CA PHE A 223 6.55 11.15 -2.04
C PHE A 223 8.01 11.09 -1.59
N GLN A 224 8.66 12.26 -1.50
CA GLN A 224 10.07 12.32 -1.12
C GLN A 224 10.25 12.60 0.35
N PHE A 225 9.59 13.64 0.86
CA PHE A 225 9.88 14.14 2.20
C PHE A 225 8.92 13.69 3.28
N SER A 226 7.88 12.94 2.92
CA SER A 226 6.91 12.46 3.89
C SER A 226 6.29 13.64 4.64
N ARG A 227 5.98 14.70 3.89
CA ARG A 227 5.66 15.99 4.48
C ARG A 227 4.39 16.56 3.85
N MET A 228 3.41 16.87 4.69
CA MET A 228 2.22 17.57 4.24
C MET A 228 2.59 18.99 3.86
N PRO A 229 2.01 19.52 2.78
CA PRO A 229 2.12 20.94 2.50
C PRO A 229 1.70 21.79 3.69
N ASP A 230 2.29 22.98 3.83
CA ASP A 230 1.85 23.94 4.84
C ASP A 230 0.35 24.18 4.65
N ASP A 231 -0.40 24.11 5.75
CA ASP A 231 -1.85 24.33 5.76
C ASP A 231 -2.66 23.22 5.08
N PHE A 232 -2.10 22.01 4.96
CA PHE A 232 -2.81 20.92 4.29
C PHE A 232 -4.09 20.51 5.00
N PHE A 233 -5.19 20.55 4.27
CA PHE A 233 -6.47 19.99 4.70
C PHE A 233 -6.63 18.59 4.10
N ARG A 234 -7.00 17.63 4.94
CA ARG A 234 -7.34 16.30 4.43
C ARG A 234 -8.58 16.35 3.56
N ALA A 235 -8.75 15.27 2.79
CA ALA A 235 -9.91 15.06 1.95
C ALA A 235 -11.23 15.26 2.74
N PRO A 236 -12.29 15.69 2.04
CA PRO A 236 -13.55 16.06 2.69
C PRO A 236 -14.53 14.92 2.98
N SER A 237 -14.15 13.69 2.66
CA SER A 237 -14.99 12.52 2.94
C SER A 237 -14.10 11.29 2.91
N PRO A 238 -14.57 10.17 3.47
CA PRO A 238 -13.73 8.97 3.45
C PRO A 238 -13.62 8.40 2.03
N ARG A 239 -12.41 8.07 1.60
CA ARG A 239 -12.23 7.42 0.29
C ARG A 239 -10.90 6.69 0.27
N SER A 240 -10.73 5.87 -0.77
CA SER A 240 -9.45 5.21 -1.02
C SER A 240 -9.20 5.17 -2.52
N GLY A 241 -9.75 4.17 -3.18
CA GLY A 241 -9.39 3.83 -4.56
C GLY A 241 -10.41 4.21 -5.61
N THR A 242 -11.30 5.15 -5.30
CA THR A 242 -12.27 5.57 -6.30
C THR A 242 -11.57 6.17 -7.52
N GLY A 243 -12.07 5.81 -8.70
CA GLY A 243 -11.44 6.19 -9.96
C GLY A 243 -10.48 5.16 -10.51
N VAL A 244 -10.28 4.04 -9.79
CA VAL A 244 -9.41 3.00 -10.29
C VAL A 244 -9.88 2.47 -11.66
N GLU A 245 -11.18 2.52 -11.91
CA GLU A 245 -11.71 2.15 -13.22
C GLU A 245 -11.10 2.94 -14.38
N VAL A 246 -10.82 4.22 -14.16
CA VAL A 246 -10.18 5.05 -15.19
C VAL A 246 -8.77 4.56 -15.51
N VAL A 247 -8.05 4.18 -14.45
CA VAL A 247 -6.67 3.72 -14.57
C VAL A 247 -6.63 2.40 -15.35
N VAL A 248 -7.50 1.46 -14.98
CA VAL A 248 -7.58 0.17 -15.67
C VAL A 248 -8.00 0.35 -17.13
N GLN A 249 -9.05 1.14 -17.36
N GLN A 249 -9.05 1.14 -17.37
CA GLN A 249 -9.60 1.35 -18.69
CA GLN A 249 -9.60 1.35 -18.71
C GLN A 249 -8.60 1.92 -19.69
C GLN A 249 -8.59 1.91 -19.70
N ALA A 250 -7.65 2.71 -19.20
CA ALA A 250 -6.61 3.29 -20.05
C ALA A 250 -5.79 2.22 -20.77
N HIS A 251 -5.45 1.14 -20.08
CA HIS A 251 -4.58 0.08 -20.61
C HIS A 251 -4.87 -1.23 -19.88
N PRO A 252 -6.01 -1.88 -20.20
CA PRO A 252 -6.34 -3.09 -19.45
C PRO A 252 -5.27 -4.18 -19.60
N MET A 253 -4.93 -4.78 -18.46
CA MET A 253 -3.88 -5.78 -18.36
C MET A 253 -4.41 -7.04 -17.71
N GLN A 254 -3.82 -8.17 -18.07
CA GLN A 254 -4.04 -9.43 -17.38
C GLN A 254 -2.92 -9.64 -16.36
N PRO A 255 -3.22 -10.32 -15.23
CA PRO A 255 -2.17 -10.67 -14.27
C PRO A 255 -1.20 -11.69 -14.85
N GLY A 256 0.07 -11.56 -14.50
CA GLY A 256 1.10 -12.43 -15.05
C GLY A 256 2.46 -12.09 -14.48
N ARG A 257 3.48 -12.67 -15.08
CA ARG A 257 4.85 -12.49 -14.60
C ARG A 257 5.82 -12.73 -15.75
N ASN A 258 6.98 -12.10 -15.69
CA ASN A 258 8.12 -12.57 -16.48
C ASN A 258 8.53 -13.92 -15.91
N VAL A 259 9.10 -14.76 -16.78
CA VAL A 259 9.42 -16.14 -16.40
C VAL A 259 10.92 -16.38 -16.41
N GLY A 260 11.63 -15.52 -15.69
CA GLY A 260 13.07 -15.63 -15.50
C GLY A 260 13.91 -14.96 -16.58
N LYS A 261 13.26 -14.29 -17.51
CA LYS A 261 13.91 -13.51 -18.55
C LYS A 261 13.10 -12.24 -18.77
N ILE A 262 13.76 -11.22 -19.29
CA ILE A 262 13.04 -10.03 -19.71
C ILE A 262 12.12 -10.35 -20.91
N ASN A 263 11.10 -9.52 -21.08
CA ASN A 263 10.21 -9.67 -22.21
C ASN A 263 9.64 -11.06 -22.38
N SER A 264 9.15 -11.62 -21.26
CA SER A 264 8.59 -12.97 -21.30
C SER A 264 7.29 -13.00 -20.48
N TYR A 265 6.54 -11.91 -20.53
CA TYR A 265 5.37 -11.77 -19.66
C TYR A 265 4.34 -12.83 -20.02
N THR A 266 4.00 -13.65 -19.04
CA THR A 266 3.20 -14.84 -19.24
C THR A 266 2.02 -14.75 -18.30
N VAL A 267 0.82 -14.80 -18.86
CA VAL A 267 -0.40 -14.64 -18.10
C VAL A 267 -0.58 -15.85 -17.19
N ASP A 268 -1.04 -15.58 -15.96
CA ASP A 268 -1.26 -16.59 -14.96
C ASP A 268 -2.77 -16.80 -14.80
N PRO A 269 -3.31 -17.92 -15.34
CA PRO A 269 -4.75 -18.17 -15.21
C PRO A 269 -5.20 -18.57 -13.81
N THR A 270 -4.27 -18.87 -12.91
N THR A 270 -4.26 -18.88 -12.92
CA THR A 270 -4.63 -19.14 -11.53
CA THR A 270 -4.55 -19.17 -11.53
C THR A 270 -4.67 -17.89 -10.66
C THR A 270 -4.69 -17.89 -10.68
N SER A 271 -4.22 -16.75 -11.20
CA SER A 271 -4.32 -15.48 -10.47
C SER A 271 -5.75 -15.01 -10.44
N SER A 272 -6.11 -14.33 -9.35
CA SER A 272 -7.29 -13.49 -9.35
C SER A 272 -7.09 -12.30 -10.29
N ASP A 273 -8.19 -11.69 -10.68
CA ASP A 273 -8.15 -10.40 -11.38
C ASP A 273 -9.35 -9.59 -10.91
N PHE A 274 -9.66 -8.47 -11.56
CA PHE A 274 -10.77 -7.64 -11.10
C PHE A 274 -12.15 -8.27 -11.26
N SER A 275 -12.24 -9.34 -12.05
CA SER A 275 -13.48 -10.11 -12.16
C SER A 275 -13.69 -11.08 -11.00
N THR A 276 -12.64 -11.33 -10.19
CA THR A 276 -12.70 -12.32 -9.10
C THR A 276 -12.10 -11.77 -7.79
N PRO A 277 -12.69 -10.69 -7.25
CA PRO A 277 -12.15 -10.11 -6.03
C PRO A 277 -12.15 -11.05 -4.83
N CYS A 278 -13.16 -11.90 -4.69
CA CYS A 278 -13.19 -12.85 -3.58
C CYS A 278 -12.05 -13.87 -3.66
N LEU A 279 -11.68 -14.27 -4.88
CA LEU A 279 -10.52 -15.15 -5.07
C LEU A 279 -9.22 -14.52 -4.57
N MET A 280 -9.06 -13.21 -4.78
N MET A 280 -9.05 -13.21 -4.77
CA MET A 280 -7.88 -12.50 -4.28
CA MET A 280 -7.87 -12.51 -4.28
C MET A 280 -7.77 -12.64 -2.76
C MET A 280 -7.76 -12.65 -2.76
N TYR A 281 -8.88 -12.43 -2.06
CA TYR A 281 -8.93 -12.61 -0.61
C TYR A 281 -8.64 -14.07 -0.20
N GLU A 282 -9.28 -15.02 -0.89
CA GLU A 282 -9.11 -16.43 -0.53
C GLU A 282 -7.70 -16.92 -0.72
N LYS A 283 -7.06 -16.52 -1.83
CA LYS A 283 -5.68 -16.89 -2.06
C LYS A 283 -4.73 -16.21 -1.09
N PHE A 284 -5.00 -14.95 -0.76
CA PHE A 284 -4.17 -14.24 0.21
C PHE A 284 -4.11 -15.02 1.53
N VAL A 285 -5.26 -15.49 2.00
CA VAL A 285 -5.32 -16.23 3.25
C VAL A 285 -4.82 -17.66 3.11
N ASN A 286 -5.36 -18.40 2.14
CA ASN A 286 -5.06 -19.83 1.97
C ASN A 286 -3.64 -20.14 1.53
N ILE A 287 -3.07 -19.24 0.74
CA ILE A 287 -1.74 -19.46 0.19
C ILE A 287 -0.72 -18.54 0.86
N THR A 288 -0.91 -17.23 0.78
CA THR A 288 0.13 -16.31 1.25
C THR A 288 0.32 -16.39 2.77
N VAL A 289 -0.74 -16.16 3.53
CA VAL A 289 -0.63 -16.19 5.00
C VAL A 289 -0.26 -17.60 5.47
N LYS A 290 -0.98 -18.58 4.95
CA LYS A 290 -0.76 -19.97 5.35
C LYS A 290 0.66 -20.46 5.11
N SER A 291 1.28 -20.03 4.00
N SER A 291 1.28 -20.03 3.99
CA SER A 291 2.64 -20.45 3.70
CA SER A 291 2.67 -20.40 3.68
C SER A 291 3.69 -19.82 4.65
C SER A 291 3.68 -19.84 4.67
N LEU A 292 3.39 -18.66 5.23
CA LEU A 292 4.25 -18.06 6.25
C LEU A 292 4.09 -18.73 7.60
N TYR A 293 2.89 -19.22 7.89
CA TYR A 293 2.56 -19.88 9.15
C TYR A 293 1.88 -21.22 8.88
N PRO A 294 2.64 -22.21 8.37
CA PRO A 294 2.02 -23.48 7.99
C PRO A 294 1.54 -24.34 9.14
N ASN A 295 2.19 -24.26 10.30
CA ASN A 295 1.78 -25.07 11.44
C ASN A 295 2.06 -24.34 12.75
N PRO A 296 1.28 -23.27 13.00
CA PRO A 296 1.57 -22.42 14.13
C PRO A 296 1.28 -23.07 15.47
N THR A 297 2.07 -22.69 16.46
CA THR A 297 1.81 -23.07 17.83
C THR A 297 0.58 -22.32 18.33
N VAL A 298 0.09 -22.73 19.48
CA VAL A 298 -1.14 -22.25 20.01
C VAL A 298 -1.32 -20.74 20.10
N GLN A 299 -0.32 -20.05 20.60
CA GLN A 299 -0.47 -18.61 20.70
C GLN A 299 -0.47 -17.91 19.34
N LEU A 300 0.33 -18.42 18.43
CA LEU A 300 0.39 -17.84 17.08
C LEU A 300 -0.93 -18.12 16.36
N ARG A 301 -1.46 -19.32 16.51
CA ARG A 301 -2.72 -19.66 15.88
C ARG A 301 -3.85 -18.73 16.34
N LYS A 302 -3.91 -18.48 17.64
CA LYS A 302 -4.91 -17.57 18.21
C LYS A 302 -4.78 -16.17 17.61
N ALA A 303 -3.55 -15.67 17.54
CA ALA A 303 -3.26 -14.35 16.96
C ALA A 303 -3.59 -14.30 15.48
N LEU A 304 -3.24 -15.35 14.75
CA LEU A 304 -3.57 -15.46 13.33
C LEU A 304 -5.08 -15.38 13.11
N ASN A 305 -5.82 -16.20 13.86
CA ASN A 305 -7.28 -16.23 13.70
C ASN A 305 -7.96 -14.91 14.03
N THR A 306 -7.48 -14.23 15.08
CA THR A 306 -8.01 -12.92 15.43
C THR A 306 -7.78 -11.91 14.31
N ASN A 307 -6.54 -11.84 13.82
CA ASN A 307 -6.19 -10.91 12.75
C ASN A 307 -6.86 -11.26 11.41
N LEU A 308 -7.08 -12.55 11.16
CA LEU A 308 -7.84 -12.98 9.98
C LEU A 308 -9.32 -12.59 10.07
N ASP A 309 -9.90 -12.65 11.26
CA ASP A 309 -11.27 -12.15 11.46
C ASP A 309 -11.33 -10.65 11.17
N PHE A 310 -10.35 -9.91 11.67
CA PHE A 310 -10.29 -8.46 11.41
C PHE A 310 -10.11 -8.16 9.92
N LEU A 311 -9.23 -8.90 9.27
CA LEU A 311 -9.04 -8.78 7.82
C LEU A 311 -10.36 -8.93 7.09
N PHE A 312 -11.14 -9.94 7.46
CA PHE A 312 -12.41 -10.20 6.81
C PHE A 312 -13.42 -9.06 6.93
N GLN A 313 -13.33 -8.27 8.00
CA GLN A 313 -14.17 -7.07 8.13
C GLN A 313 -13.96 -6.06 7.01
N GLY A 314 -12.75 -6.06 6.43
CA GLY A 314 -12.42 -5.18 5.32
C GLY A 314 -12.70 -5.72 3.93
N VAL A 315 -13.24 -6.94 3.84
CA VAL A 315 -13.48 -7.58 2.55
C VAL A 315 -14.84 -7.10 2.04
N ALA A 316 -14.90 -6.83 0.73
CA ALA A 316 -16.14 -6.38 0.09
C ALA A 316 -17.28 -7.35 0.37
N ALA A 317 -18.46 -6.82 0.68
CA ALA A 317 -19.65 -7.64 0.94
C ALA A 317 -19.91 -8.63 -0.19
N GLY A 318 -20.29 -9.84 0.18
CA GLY A 318 -20.56 -10.91 -0.78
C GLY A 318 -19.56 -12.06 -0.79
N CYS A 319 -18.37 -11.83 -0.23
CA CYS A 319 -17.39 -12.91 -0.11
C CYS A 319 -17.66 -13.76 1.12
N THR A 320 -17.20 -15.00 1.07
CA THR A 320 -17.33 -15.98 2.13
C THR A 320 -16.00 -16.01 2.88
N GLN A 321 -16.04 -15.95 4.22
CA GLN A 321 -14.82 -16.05 5.02
C GLN A 321 -14.22 -17.46 4.92
N VAL A 322 -12.89 -17.54 4.85
CA VAL A 322 -12.17 -18.82 4.85
C VAL A 322 -11.36 -18.96 6.12
N PHE A 323 -11.18 -20.21 6.56
CA PHE A 323 -10.59 -20.52 7.86
C PHE A 323 -9.44 -21.52 7.73
N PRO A 324 -8.20 -21.01 7.50
CA PRO A 324 -7.05 -21.91 7.32
C PRO A 324 -6.62 -22.71 8.55
N TYR A 325 -6.96 -22.25 9.75
CA TYR A 325 -6.59 -22.91 10.99
C TYR A 325 -7.81 -23.36 11.77
N GLY A 326 -8.92 -23.55 11.06
CA GLY A 326 -10.18 -23.92 11.69
C GLY A 326 -10.79 -22.79 12.47
N ARG A 327 -11.76 -23.12 13.30
CA ARG A 327 -12.48 -22.16 14.14
C ARG A 327 -12.41 -22.55 15.61
CHA HEM B . 1.96 1.82 -1.71
CHB HEM B . 1.18 0.10 2.75
CHC HEM B . -2.52 3.29 3.11
CHD HEM B . -0.35 5.88 -0.37
C1A HEM B . 2.05 1.07 -0.56
C2A HEM B . 2.95 0.01 -0.35
C3A HEM B . 2.74 -0.48 0.90
C4A HEM B . 1.70 0.28 1.48
CMA HEM B . 3.48 -1.61 1.56
CAA HEM B . 3.97 -0.49 -1.33
CBA HEM B . 3.28 -0.85 -2.65
CGA HEM B . 4.29 -0.84 -3.77
O1A HEM B . 5.06 -1.81 -3.93
O2A HEM B . 4.35 0.14 -4.54
C1B HEM B . 0.04 0.81 3.19
C2B HEM B . -0.67 0.45 4.36
C3B HEM B . -1.71 1.32 4.49
C4B HEM B . -1.62 2.24 3.33
CMB HEM B . -0.34 -0.69 5.30
CAB HEM B . -2.72 1.35 5.56
CBB HEM B . -3.96 1.76 5.30
C1C HEM B . -2.16 4.36 2.29
C2C HEM B . -2.66 5.67 2.37
C3C HEM B . -2.05 6.41 1.37
C4C HEM B . -1.15 5.54 0.69
CMC HEM B . -3.69 6.18 3.35
CAC HEM B . -2.26 7.84 1.08
CBC HEM B . -2.85 8.62 1.98
C1D HEM B . 0.42 4.92 -1.06
C2D HEM B . 1.05 5.22 -2.34
C3D HEM B . 1.69 4.10 -2.72
C4D HEM B . 1.44 3.10 -1.66
CMD HEM B . 1.01 6.52 -3.10
CAD HEM B . 2.50 3.89 -3.98
CBD HEM B . 3.80 4.69 -3.88
CGD HEM B . 4.60 4.50 -5.14
O1D HEM B . 4.29 3.61 -5.95
O2D HEM B . 5.58 5.24 -5.37
NA HEM B . 1.29 1.22 0.57
NB HEM B . -0.56 1.86 2.61
NC HEM B . -1.26 4.29 1.27
ND HEM B . 0.68 3.66 -0.70
FE HEM B . 0.11 2.78 0.83
MG MG C . 7.13 -1.66 -4.91
CL CL D . -15.04 5.16 6.41
C1 NAG E . -16.88 18.44 12.16
C2 NAG E . -17.77 19.39 12.94
C3 NAG E . -17.82 20.71 12.18
C4 NAG E . -16.40 21.25 12.00
C5 NAG E . -15.57 20.20 11.25
C6 NAG E . -14.13 20.61 10.93
C7 NAG E . -19.58 18.35 14.24
C8 NAG E . -20.97 17.77 14.20
N2 NAG E . -19.10 18.81 13.08
O3 NAG E . -18.65 21.66 12.87
O4 NAG E . -16.45 22.49 11.28
O5 NAG E . -15.57 19.01 12.04
O6 NAG E . -13.30 20.56 12.10
O7 NAG E . -18.97 18.41 15.30
C1 NAG F . -9.44 -21.77 0.76
C2 NAG F . -10.04 -22.25 -0.56
C3 NAG F . -11.51 -22.61 -0.36
C4 NAG F . -11.62 -23.61 0.79
C5 NAG F . -10.94 -23.09 2.04
C6 NAG F . -10.96 -24.13 3.16
C7 NAG F . -8.90 -21.22 -2.48
C8 NAG F . -8.97 -20.14 -3.53
N2 NAG F . -9.93 -21.27 -1.63
O3 NAG F . -12.05 -23.16 -1.56
O4 NAG F . -13.02 -23.84 1.03
O5 NAG F . -9.58 -22.79 1.75
O6 NAG F . -10.44 -23.54 4.36
O7 NAG F . -7.95 -21.98 -2.42
C1 NAG G . 16.28 4.98 -9.63
C2 NAG G . 17.43 4.05 -9.31
C3 NAG G . 18.35 3.93 -10.52
C4 NAG G . 17.52 3.51 -11.73
C5 NAG G . 16.38 4.49 -11.94
C6 NAG G . 15.50 4.19 -13.15
C7 NAG G . 18.74 5.58 -7.84
C8 NAG G . 19.47 5.65 -6.53
N2 NAG G . 18.18 4.40 -8.11
O3 NAG G . 19.39 2.99 -10.26
O4 NAG G . 18.34 3.45 -12.90
O5 NAG G . 15.57 4.48 -10.76
O6 NAG G . 14.86 2.92 -13.04
O7 NAG G . 18.68 6.55 -8.58
C1 NAG H . -6.07 15.36 -16.29
C2 NAG H . -7.58 15.22 -16.56
C3 NAG H . -7.86 15.35 -18.04
C4 NAG H . -7.29 16.67 -18.55
C5 NAG H . -5.83 16.86 -18.12
C6 NAG H . -5.35 18.27 -18.43
C7 NAG H . -8.84 13.87 -14.93
C8 NAG H . -9.32 12.49 -14.59
N2 NAG H . -8.12 13.96 -16.06
O3 NAG H . -9.28 15.34 -18.28
O4 NAG H . -7.39 16.70 -19.98
O5 NAG H . -5.68 16.64 -16.72
O6 NAG H . -5.99 19.24 -17.58
O7 NAG H . -9.10 14.82 -14.20
C1 NAG I . 11.61 -12.90 -7.45
C2 NAG I . 11.71 -12.13 -6.14
C3 NAG I . 11.47 -13.09 -4.98
C4 NAG I . 10.16 -13.82 -5.17
C5 NAG I . 10.09 -14.48 -6.55
C6 NAG I . 8.78 -15.25 -6.77
C7 NAG I . 13.22 -10.18 -6.32
C8 NAG I . 14.51 -9.50 -5.91
N2 NAG I . 12.95 -11.41 -5.84
O3 NAG I . 11.47 -12.39 -3.74
O4 NAG I . 10.02 -14.79 -4.13
O5 NAG I . 10.31 -13.49 -7.57
O6 NAG I . 7.91 -14.55 -7.67
O7 NAG I . 12.45 -9.62 -7.08
P PO4 J . 16.88 -2.27 14.89
O1 PO4 J . 15.93 -1.44 14.08
O2 PO4 J . 16.69 -3.73 14.55
O3 PO4 J . 18.30 -1.87 14.58
O4 PO4 J . 16.60 -2.06 16.37
C1 GOL K . -2.20 23.56 1.29
O1 GOL K . -2.64 22.25 0.92
C2 GOL K . -2.89 24.64 0.46
O2 GOL K . -2.56 24.46 -0.93
C3 GOL K . -2.40 26.00 0.98
O3 GOL K . -2.66 27.07 0.06
C1 GOL L . 15.63 12.74 0.18
O1 GOL L . 14.86 11.60 -0.26
C2 GOL L . 15.98 12.62 1.67
O2 GOL L . 16.29 11.25 2.00
C3 GOL L . 14.84 13.13 2.52
O3 GOL L . 15.01 12.76 3.90
C1 GOL M . 8.55 20.07 -8.15
O1 GOL M . 8.48 18.86 -7.40
C2 GOL M . 9.26 19.92 -9.50
O2 GOL M . 8.29 19.69 -10.53
C3 GOL M . 10.23 18.75 -9.53
O3 GOL M . 10.86 18.62 -10.82
C1 SNP N . -9.57 0.09 -4.27
C1 SNP N . -9.54 0.22 -4.45
C2 SNP N . -9.75 -0.38 -5.56
C2 SNP N . -9.80 -0.46 -5.63
C3 SNP N . -8.81 -1.20 -6.17
C3 SNP N . -8.96 -1.48 -6.09
C4 SNP N . -7.63 -1.60 -5.53
C4 SNP N . -7.83 -1.87 -5.38
C5 SNP N . -6.21 -1.56 -3.56
C5 SNP N . -6.35 -1.63 -3.47
C6 SNP N . -5.98 -1.11 -2.27
C6 SNP N . -6.06 -0.98 -2.27
C7 SNP N . -6.91 -0.29 -1.61
C7 SNP N . -6.87 0.04 -1.78
C8 SNP N . -8.08 0.11 -2.25
C8 SNP N . -8.01 0.45 -2.47
C9 SNP N . -8.34 -0.31 -3.53
C9 SNP N . -8.35 -0.17 -3.66
C10 SNP N . -7.36 -1.18 -4.23
C10 SNP N . -7.48 -1.26 -4.18
O1 SNP N . -10.51 0.89 -3.68
O1 SNP N . -10.38 1.21 -4.01
C11 SNP N . -11.79 1.06 -4.28
C11 SNP N . -10.74 1.29 -2.64
C12 SNP N . -12.78 0.08 -3.66
C12 SNP N . -12.26 1.46 -2.52
O2 SNP N . -12.41 -1.27 -4.02
O2 SNP N . -12.71 2.35 -3.55
C13 SNP N . -12.74 0.21 -2.14
C13 SNP N . -12.93 0.10 -2.69
N1 SNP N . -12.93 1.61 -1.78
N1 SNP N . -12.72 -0.70 -1.50
C14 SNP N . -14.25 2.09 -1.40
C14 SNP N . -12.96 -2.13 -1.54
C15 SNP N . -14.16 3.53 -0.93
C15 SNP N . -12.21 -2.75 -2.71
C16 SNP N . -15.21 1.96 -2.57
C16 SNP N . -12.55 -2.77 -0.22
C1 SNP O . -10.43 -5.05 -3.68
C2 SNP O . -9.47 -4.08 -3.39
C3 SNP O . -8.78 -4.11 -2.18
C4 SNP O . -9.00 -5.08 -1.21
C5 SNP O . -10.17 -7.07 -0.47
C6 SNP O . -11.13 -8.06 -0.72
C7 SNP O . -11.84 -8.07 -1.91
C8 SNP O . -11.64 -7.11 -2.89
C9 SNP O . -10.71 -6.10 -2.68
C10 SNP O . -9.94 -6.09 -1.42
O1 SNP O . -11.12 -5.01 -4.88
C11 SNP O . -11.23 -3.79 -5.59
C12 SNP O . -11.65 -4.09 -7.03
O2 SNP O . -12.83 -4.88 -7.03
C13 SNP O . -11.92 -2.77 -7.76
N1 SNP O . -12.78 -3.01 -8.90
C14 SNP O . -12.95 -1.98 -9.91
C15 SNP O . -11.97 -2.22 -11.06
C16 SNP O . -14.39 -1.96 -10.41
C1 SNP P . 12.71 21.05 -3.45
C2 SNP P . 12.10 22.19 -3.95
C3 SNP P . 12.01 22.41 -5.32
C4 SNP P . 12.52 21.52 -6.26
C5 SNP P . 13.66 19.44 -6.77
C6 SNP P . 14.28 18.28 -6.31
C7 SNP P . 14.40 18.01 -4.94
C8 SNP P . 13.89 18.90 -3.99
C9 SNP P . 13.26 20.06 -4.40
C10 SNP P . 13.15 20.35 -5.86
O1 SNP P . 12.80 20.84 -2.09
C11 SNP P . 13.29 21.87 -1.24
C12 SNP P . 13.95 21.24 -0.02
O2 SNP P . 14.75 22.23 0.65
C13 SNP P . 12.87 20.73 0.94
N1 SNP P . 13.45 20.42 2.22
C14 SNP P . 12.88 19.38 3.05
C15 SNP P . 13.33 19.54 4.49
C16 SNP P . 11.36 19.41 2.94
C1 SNP Q . -6.22 -26.71 15.99
C2 SNP Q . -7.60 -26.48 15.99
C3 SNP Q . -8.21 -25.83 17.06
C4 SNP Q . -7.50 -25.38 18.18
C5 SNP Q . -5.40 -25.13 19.36
C6 SNP Q . -4.02 -25.34 19.39
C7 SNP Q . -3.36 -25.99 18.34
C8 SNP Q . -4.05 -26.44 17.22
C9 SNP Q . -5.42 -26.25 17.15
C10 SNP Q . -6.12 -25.57 18.26
O1 SNP Q . -5.63 -27.34 14.93
C11 SNP Q . -5.49 -26.67 13.69
C12 SNP Q . -4.60 -25.44 13.85
O2 SNP Q . -3.48 -25.79 14.66
C13 SNP Q . -4.13 -24.97 12.48
N1 SNP Q . -3.49 -26.07 11.77
C14 SNP Q . -3.55 -26.12 10.32
C15 SNP Q . -2.15 -26.10 9.75
C16 SNP Q . -4.31 -27.36 9.87
C1 GOL R . -3.25 0.93 0.55
O1 GOL R . -4.08 -0.22 0.34
C2 GOL R . -1.82 0.60 0.16
O2 GOL R . -1.05 1.81 0.10
C3 GOL R . -1.80 -0.08 -1.19
O3 GOL R . -2.97 -0.90 -1.33
C1 GOL S . 3.55 5.11 -21.84
O1 GOL S . 4.26 5.83 -22.86
C2 GOL S . 2.04 5.10 -22.08
O2 GOL S . 1.39 4.54 -20.94
C3 GOL S . 1.52 6.53 -22.29
O3 GOL S . 0.78 6.68 -23.51
C1 GOL T . 0.79 -16.77 -7.69
O1 GOL T . 2.14 -17.04 -8.07
C2 GOL T . -0.16 -17.77 -8.34
O2 GOL T . -1.28 -16.98 -8.84
C3 GOL T . -0.50 -18.78 -7.23
O3 GOL T . -1.56 -19.71 -7.48
P PO4 U . -15.19 -1.23 -6.45
O1 PO4 U . -14.03 -0.38 -6.91
O2 PO4 U . -15.26 -2.48 -7.29
O3 PO4 U . -16.47 -0.45 -6.60
O4 PO4 U . -14.99 -1.60 -5.00
P PO4 V . -16.18 3.42 -5.51
O1 PO4 V . -15.88 3.75 -6.95
O2 PO4 V . -15.78 4.59 -4.64
O3 PO4 V . -15.38 2.20 -5.11
O4 PO4 V . -17.65 3.14 -5.34
#